data_5LVQ
#
_entry.id   5LVQ
#
_cell.length_a   99.859
_cell.length_b   99.859
_cell.length_c   100.762
_cell.angle_alpha   90.00
_cell.angle_beta   90.00
_cell.angle_gamma   120.00
#
_symmetry.space_group_name_H-M   'H 3'
#
loop_
_entity.id
_entity.type
_entity.pdbx_description
1 polymer 'Histone acetyltransferase KAT2B'
2 non-polymer 1,2-ETHANEDIOL
3 non-polymer N-methyl-2-(tetrahydro-2H-pyran-4-yloxy)benzamide
4 non-polymer 'DIMETHYL SULFOXIDE'
5 water water
#
_entity_poly.entity_id   1
_entity_poly.type   'polypeptide(L)'
_entity_poly.pdbx_seq_one_letter_code
;SMGKEKSKEPRDPDQLYSTLKSILQQVKSHQSAWPFMEPVKRTEAPGYYEVIRFPMDLKTMSERLKNRYYVSKKLFMADL
QRVFTNCKEYNPPESEYYKCANILEKFFFSKIKEAGLID
;
_entity_poly.pdbx_strand_id   A,B
#
loop_
_chem_comp.id
_chem_comp.type
_chem_comp.name
_chem_comp.formula
2LX non-polymer N-methyl-2-(tetrahydro-2H-pyran-4-yloxy)benzamide 'C13 H17 N O3'
DMS non-polymer 'DIMETHYL SULFOXIDE' 'C2 H6 O S'
EDO non-polymer 1,2-ETHANEDIOL 'C2 H6 O2'
#
# COMPACT_ATOMS: atom_id res chain seq x y z
N ASP A 12 -26.67 -11.88 -11.64
CA ASP A 12 -27.09 -10.73 -10.78
C ASP A 12 -26.84 -11.00 -9.28
N PRO A 13 -27.16 -12.23 -8.78
CA PRO A 13 -26.74 -12.55 -7.40
C PRO A 13 -25.23 -12.69 -7.23
N ASP A 14 -24.61 -13.50 -8.08
CA ASP A 14 -23.27 -13.97 -7.87
C ASP A 14 -22.28 -13.12 -8.64
N GLN A 15 -22.62 -11.83 -8.75
CA GLN A 15 -21.90 -10.92 -9.62
C GLN A 15 -20.48 -10.61 -9.14
N LEU A 16 -20.38 -10.30 -7.86
CA LEU A 16 -19.11 -9.99 -7.24
C LEU A 16 -18.10 -11.15 -7.42
N TYR A 17 -18.53 -12.35 -7.03
CA TYR A 17 -17.74 -13.54 -7.19
C TYR A 17 -17.16 -13.60 -8.58
N SER A 18 -18.01 -13.46 -9.60
CA SER A 18 -17.55 -13.53 -10.98
C SER A 18 -16.51 -12.47 -11.31
N THR A 19 -16.75 -11.26 -10.83
CA THR A 19 -15.85 -10.15 -11.17
C THR A 19 -14.50 -10.36 -10.52
N LEU A 20 -14.57 -10.76 -9.25
CA LEU A 20 -13.37 -11.02 -8.46
C LEU A 20 -12.54 -12.17 -9.03
N LYS A 21 -13.21 -13.23 -9.42
CA LYS A 21 -12.55 -14.34 -10.04
C LYS A 21 -11.86 -13.96 -11.33
N SER A 22 -12.54 -13.19 -12.16
CA SER A 22 -11.91 -12.70 -13.40
C SER A 22 -10.67 -11.85 -13.09
N ILE A 23 -10.79 -10.96 -12.15
CA ILE A 23 -9.66 -10.10 -11.81
C ILE A 23 -8.48 -10.93 -11.26
N LEU A 24 -8.74 -11.82 -10.31
CA LEU A 24 -7.68 -12.63 -9.70
C LEU A 24 -7.02 -13.50 -10.75
N GLN A 25 -7.79 -13.99 -11.70
CA GLN A 25 -7.18 -14.82 -12.77
C GLN A 25 -6.26 -14.04 -13.67
N GLN A 26 -6.69 -12.84 -14.02
CA GLN A 26 -5.83 -11.98 -14.83
C GLN A 26 -4.56 -11.62 -14.10
N VAL A 27 -4.66 -11.28 -12.85
CA VAL A 27 -3.47 -10.98 -12.04
C VAL A 27 -2.53 -12.20 -11.99
N LYS A 28 -3.10 -13.39 -11.71
CA LYS A 28 -2.32 -14.64 -11.68
C LYS A 28 -1.67 -15.02 -12.97
N SER A 29 -2.27 -14.65 -14.11
CA SER A 29 -1.62 -14.90 -15.40
C SER A 29 -0.62 -13.87 -15.85
N HIS A 30 -0.53 -12.76 -15.14
CA HIS A 30 0.34 -11.72 -15.52
C HIS A 30 1.78 -12.17 -15.38
N GLN A 31 2.65 -11.76 -16.27
CA GLN A 31 4.01 -12.20 -16.23
C GLN A 31 4.83 -11.72 -15.02
N SER A 32 4.36 -10.70 -14.29
CA SER A 32 5.01 -10.26 -13.09
C SER A 32 4.37 -10.85 -11.80
N ALA A 33 3.43 -11.78 -11.91
CA ALA A 33 2.86 -12.41 -10.73
C ALA A 33 3.73 -13.50 -10.06
N TRP A 34 4.77 -13.97 -10.72
CA TRP A 34 5.48 -15.21 -10.25
C TRP A 34 6.04 -15.14 -8.81
N PRO A 35 6.48 -13.96 -8.33
CA PRO A 35 6.93 -13.93 -6.96
C PRO A 35 5.82 -14.13 -5.92
N PHE A 36 4.56 -13.99 -6.34
CA PHE A 36 3.46 -13.88 -5.39
C PHE A 36 2.52 -15.10 -5.38
N MET A 37 2.88 -16.11 -6.10
CA MET A 37 1.96 -17.18 -6.40
C MET A 37 1.77 -18.07 -5.21
N GLU A 38 2.77 -18.12 -4.30
CA GLU A 38 2.69 -18.97 -3.11
C GLU A 38 3.35 -18.36 -1.90
N PRO A 39 2.96 -18.81 -0.70
CA PRO A 39 3.54 -18.32 0.55
C PRO A 39 5.07 -18.31 0.55
N VAL A 40 5.64 -17.21 1.00
CA VAL A 40 7.06 -17.12 1.21
C VAL A 40 7.45 -18.16 2.28
N LYS A 41 8.50 -18.93 2.03
CA LYS A 41 8.99 -19.88 3.07
C LYS A 41 10.05 -19.27 4.02
N ARG A 42 9.95 -19.54 5.32
CA ARG A 42 10.95 -19.04 6.31
C ARG A 42 12.35 -19.47 5.93
N THR A 43 12.43 -20.69 5.39
CA THR A 43 13.68 -21.25 4.92
C THR A 43 14.25 -20.41 3.79
N GLU A 44 13.42 -19.80 2.93
CA GLU A 44 13.91 -18.92 1.88
C GLU A 44 14.25 -17.51 2.37
N ALA A 45 13.63 -17.03 3.46
CA ALA A 45 13.67 -15.58 3.76
C ALA A 45 13.90 -15.22 5.23
N PRO A 46 15.18 -15.04 5.62
CA PRO A 46 15.44 -14.94 7.06
C PRO A 46 14.62 -13.84 7.76
N GLY A 47 13.95 -14.20 8.86
CA GLY A 47 13.18 -13.21 9.59
C GLY A 47 12.11 -12.52 8.78
N TYR A 48 11.60 -13.15 7.73
CA TYR A 48 10.46 -12.60 7.01
C TYR A 48 9.25 -12.53 7.93
N TYR A 49 8.95 -13.66 8.58
CA TYR A 49 7.77 -13.76 9.43
C TYR A 49 7.95 -13.01 10.76
N GLU A 50 9.15 -12.48 11.00
CA GLU A 50 9.35 -11.55 12.12
C GLU A 50 8.87 -10.16 11.71
N VAL A 51 9.08 -9.82 10.45
CA VAL A 51 8.88 -8.45 9.93
C VAL A 51 7.47 -8.29 9.36
N ILE A 52 7.00 -9.30 8.67
CA ILE A 52 5.72 -9.26 8.01
C ILE A 52 4.72 -10.03 8.87
N ARG A 53 3.77 -9.32 9.42
CA ARG A 53 2.81 -9.94 10.34
C ARG A 53 1.56 -10.53 9.70
N PHE A 54 1.16 -10.00 8.54
CA PHE A 54 0.01 -10.57 7.80
C PHE A 54 0.40 -10.99 6.40
N PRO A 55 1.07 -12.13 6.29
CA PRO A 55 1.51 -12.62 4.99
C PRO A 55 0.33 -12.87 4.03
N MET A 56 0.53 -12.70 2.74
CA MET A 56 -0.55 -12.98 1.80
C MET A 56 0.04 -13.33 0.50
N ASP A 57 -0.69 -14.12 -0.27
CA ASP A 57 -0.24 -14.55 -1.58
C ASP A 57 -1.41 -14.98 -2.42
N LEU A 58 -1.16 -15.18 -3.71
CA LEU A 58 -2.28 -15.33 -4.62
C LEU A 58 -2.93 -16.74 -4.57
N LYS A 59 -2.17 -17.75 -4.13
CA LYS A 59 -2.77 -19.07 -3.87
C LYS A 59 -3.74 -18.99 -2.70
N THR A 60 -3.31 -18.34 -1.62
CA THR A 60 -4.22 -18.14 -0.50
C THR A 60 -5.42 -17.34 -0.95
N MET A 61 -5.25 -16.32 -1.78
CA MET A 61 -6.42 -15.54 -2.19
C MET A 61 -7.38 -16.37 -3.03
N SER A 62 -6.85 -17.19 -3.92
CA SER A 62 -7.66 -18.14 -4.68
C SER A 62 -8.50 -19.04 -3.77
N GLU A 63 -7.88 -19.54 -2.71
CA GLU A 63 -8.62 -20.36 -1.74
C GLU A 63 -9.70 -19.56 -1.05
N ARG A 64 -9.33 -18.39 -0.53
CA ARG A 64 -10.31 -17.53 0.08
C ARG A 64 -11.48 -17.25 -0.84
N LEU A 65 -11.21 -16.96 -2.09
CA LEU A 65 -12.27 -16.70 -3.04
C LEU A 65 -13.23 -17.88 -3.20
N LYS A 66 -12.65 -19.06 -3.42
CA LYS A 66 -13.41 -20.29 -3.55
C LYS A 66 -14.20 -20.56 -2.28
N ASN A 67 -13.63 -20.20 -1.15
CA ASN A 67 -14.34 -20.35 0.14
C ASN A 67 -15.37 -19.29 0.45
N ARG A 68 -15.64 -18.38 -0.48
CA ARG A 68 -16.68 -17.38 -0.30
C ARG A 68 -16.37 -16.38 0.80
N TYR A 69 -15.10 -16.11 1.00
CA TYR A 69 -14.64 -15.13 1.96
C TYR A 69 -14.79 -13.68 1.48
N TYR A 70 -14.68 -13.47 0.17
CA TYR A 70 -14.69 -12.12 -0.35
C TYR A 70 -16.13 -11.65 -0.59
N VAL A 71 -16.82 -11.38 0.52
CA VAL A 71 -18.20 -10.93 0.46
C VAL A 71 -18.30 -9.44 0.07
N SER A 72 -17.17 -8.71 0.06
CA SER A 72 -17.11 -7.34 -0.44
C SER A 72 -15.84 -7.05 -1.20
N LYS A 73 -15.92 -5.96 -1.95
CA LYS A 73 -14.82 -5.45 -2.75
C LYS A 73 -13.65 -5.12 -1.83
N LYS A 74 -13.94 -4.48 -0.73
CA LYS A 74 -12.91 -4.06 0.19
C LYS A 74 -12.07 -5.19 0.77
N LEU A 75 -12.70 -6.32 1.09
CA LEU A 75 -11.92 -7.46 1.64
C LEU A 75 -10.95 -7.94 0.58
N PHE A 76 -11.41 -8.05 -0.64
CA PHE A 76 -10.56 -8.48 -1.74
C PHE A 76 -9.43 -7.50 -1.97
N MET A 77 -9.75 -6.21 -2.02
CA MET A 77 -8.74 -5.19 -2.25
C MET A 77 -7.71 -5.13 -1.17
N ALA A 78 -8.11 -5.29 0.09
CA ALA A 78 -7.11 -5.27 1.15
C ALA A 78 -6.12 -6.43 1.04
N ASP A 79 -6.59 -7.64 0.72
CA ASP A 79 -5.68 -8.81 0.65
C ASP A 79 -4.68 -8.60 -0.47
N LEU A 80 -5.18 -8.20 -1.61
CA LEU A 80 -4.28 -8.04 -2.73
C LEU A 80 -3.32 -6.88 -2.54
N GLN A 81 -3.77 -5.80 -1.90
CA GLN A 81 -2.86 -4.67 -1.62
CA GLN A 81 -2.89 -4.67 -1.65
C GLN A 81 -1.77 -5.12 -0.68
N ARG A 82 -2.14 -5.92 0.31
CA ARG A 82 -1.16 -6.44 1.23
C ARG A 82 -0.09 -7.32 0.58
N VAL A 83 -0.44 -8.05 -0.47
CA VAL A 83 0.59 -8.78 -1.17
C VAL A 83 1.69 -7.79 -1.58
N PHE A 84 1.28 -6.64 -2.12
CA PHE A 84 2.31 -5.70 -2.65
C PHE A 84 3.10 -5.02 -1.56
N THR A 85 2.40 -4.61 -0.54
CA THR A 85 3.02 -3.83 0.49
C THR A 85 3.96 -4.68 1.35
N ASN A 86 3.62 -5.95 1.55
CA ASN A 86 4.60 -6.89 2.16
C ASN A 86 5.87 -6.95 1.34
N CYS A 87 5.70 -7.20 0.06
CA CYS A 87 6.88 -7.36 -0.77
C CYS A 87 7.76 -6.06 -0.69
N LYS A 88 7.12 -4.89 -0.70
CA LYS A 88 7.89 -3.65 -0.82
C LYS A 88 8.58 -3.27 0.43
N GLU A 89 7.95 -3.58 1.54
CA GLU A 89 8.56 -3.40 2.77
C GLU A 89 9.79 -4.33 2.95
N TYR A 90 9.66 -5.59 2.56
CA TYR A 90 10.69 -6.58 2.85
C TYR A 90 11.87 -6.52 1.90
N ASN A 91 11.64 -6.41 0.61
CA ASN A 91 12.75 -6.40 -0.33
C ASN A 91 13.41 -5.00 -0.66
N PRO A 92 14.70 -4.99 -1.08
CA PRO A 92 15.30 -3.76 -1.56
C PRO A 92 14.64 -3.19 -2.83
N PRO A 93 14.73 -1.85 -2.98
CA PRO A 93 13.82 -1.14 -3.86
C PRO A 93 14.13 -1.42 -5.32
N GLU A 94 15.37 -1.80 -5.60
CA GLU A 94 15.75 -2.11 -6.95
C GLU A 94 15.76 -3.60 -7.15
N SER A 95 15.26 -4.38 -6.19
CA SER A 95 15.21 -5.86 -6.38
C SER A 95 14.17 -6.20 -7.45
N GLU A 96 14.34 -7.36 -8.05
CA GLU A 96 13.37 -7.90 -8.99
C GLU A 96 12.00 -8.05 -8.36
N TYR A 97 11.91 -8.40 -7.06
CA TYR A 97 10.58 -8.62 -6.45
C TYR A 97 9.86 -7.27 -6.33
N TYR A 98 10.59 -6.23 -5.89
CA TYR A 98 10.03 -4.90 -5.73
C TYR A 98 9.54 -4.41 -7.09
N LYS A 99 10.33 -4.52 -8.16
CA LYS A 99 9.89 -4.10 -9.51
C LYS A 99 8.64 -4.82 -9.94
N CYS A 100 8.58 -6.15 -9.69
CA CYS A 100 7.41 -6.92 -9.98
C CYS A 100 6.22 -6.40 -9.22
N ALA A 101 6.37 -6.20 -7.92
CA ALA A 101 5.27 -5.73 -7.13
C ALA A 101 4.60 -4.44 -7.67
N ASN A 102 5.41 -3.45 -8.07
CA ASN A 102 4.80 -2.19 -8.55
C ASN A 102 4.22 -2.31 -9.92
N ILE A 103 4.85 -3.15 -10.77
CA ILE A 103 4.26 -3.46 -12.06
C ILE A 103 2.87 -4.08 -11.88
N LEU A 104 2.77 -5.08 -11.02
CA LEU A 104 1.51 -5.81 -10.91
C LEU A 104 0.47 -4.98 -10.20
N GLU A 105 0.93 -4.19 -9.23
CA GLU A 105 0.02 -3.23 -8.57
C GLU A 105 -0.57 -2.25 -9.54
N LYS A 106 0.22 -1.71 -10.47
CA LYS A 106 -0.34 -0.88 -11.52
C LYS A 106 -1.38 -1.61 -12.30
N PHE A 107 -1.05 -2.86 -12.65
CA PHE A 107 -2.01 -3.66 -13.44
C PHE A 107 -3.28 -3.86 -12.66
N PHE A 108 -3.15 -4.27 -11.41
CA PHE A 108 -4.29 -4.45 -10.54
C PHE A 108 -5.17 -3.20 -10.48
N PHE A 109 -4.59 -2.02 -10.20
CA PHE A 109 -5.46 -0.82 -10.08
C PHE A 109 -6.16 -0.57 -11.37
N SER A 110 -5.49 -0.77 -12.52
CA SER A 110 -6.16 -0.60 -13.81
C SER A 110 -7.35 -1.56 -13.97
N LYS A 111 -7.23 -2.80 -13.51
CA LYS A 111 -8.39 -3.74 -13.61
C LYS A 111 -9.54 -3.43 -12.64
N ILE A 112 -9.21 -3.05 -11.43
CA ILE A 112 -10.21 -2.60 -10.44
C ILE A 112 -11.02 -1.40 -10.97
N LYS A 113 -10.32 -0.41 -11.52
CA LYS A 113 -11.00 0.74 -12.12
C LYS A 113 -11.80 0.25 -13.31
N GLU A 114 -11.20 -0.61 -14.11
CA GLU A 114 -11.88 -1.08 -15.34
C GLU A 114 -13.16 -1.84 -15.04
N ALA A 115 -13.25 -2.54 -13.92
CA ALA A 115 -14.49 -3.22 -13.54
C ALA A 115 -15.46 -2.37 -12.71
N GLY A 116 -15.17 -1.07 -12.58
CA GLY A 116 -16.00 -0.20 -11.72
C GLY A 116 -16.14 -0.68 -10.29
N LEU A 117 -15.16 -1.44 -9.79
CA LEU A 117 -15.27 -1.98 -8.44
C LEU A 117 -15.24 -0.77 -7.45
N ILE A 118 -16.42 -0.52 -6.85
CA ILE A 118 -16.69 0.61 -5.91
C ILE A 118 -16.93 0.08 -4.47
N ASP A 119 -16.21 0.66 -3.49
CA ASP A 119 -16.23 0.22 -2.08
C ASP A 119 -16.13 1.43 -1.15
N ARG B 11 13.95 8.38 26.63
CA ARG B 11 12.76 7.51 26.85
C ARG B 11 12.74 6.37 25.83
N ASP B 12 11.82 5.41 26.03
CA ASP B 12 11.53 4.36 25.05
C ASP B 12 10.15 4.48 24.38
N PRO B 13 9.12 4.84 25.16
CA PRO B 13 7.93 5.38 24.48
C PRO B 13 8.30 6.63 23.64
N ASP B 14 9.10 7.52 24.22
CA ASP B 14 9.67 8.63 23.47
C ASP B 14 10.79 8.26 22.48
N GLN B 15 11.32 7.04 22.51
CA GLN B 15 12.24 6.58 21.47
C GLN B 15 11.53 6.52 20.12
N LEU B 16 10.35 5.91 20.15
CA LEU B 16 9.54 5.74 18.97
C LEU B 16 9.25 7.15 18.39
N TYR B 17 8.78 8.04 19.25
CA TYR B 17 8.51 9.41 18.87
C TYR B 17 9.67 9.98 18.06
N SER B 18 10.88 9.88 18.59
CA SER B 18 12.04 10.45 17.93
C SER B 18 12.33 9.85 16.57
N THR B 19 12.22 8.55 16.49
CA THR B 19 12.49 7.85 15.26
C THR B 19 11.44 8.21 14.19
N LEU B 20 10.18 8.22 14.60
CA LEU B 20 9.08 8.54 13.71
C LEU B 20 9.17 9.97 13.21
N LYS B 21 9.49 10.91 14.11
CA LYS B 21 9.69 12.29 13.74
C LYS B 21 10.77 12.48 12.69
N SER B 22 11.89 11.79 12.90
CA SER B 22 12.98 11.85 11.96
C SER B 22 12.58 11.27 10.60
N ILE B 23 11.91 10.14 10.62
CA ILE B 23 11.46 9.54 9.39
C ILE B 23 10.46 10.45 8.66
N LEU B 24 9.47 10.94 9.36
CA LEU B 24 8.44 11.80 8.75
C LEU B 24 9.04 13.08 8.20
N GLN B 25 9.98 13.66 8.96
CA GLN B 25 10.61 14.87 8.45
C GLN B 25 11.44 14.62 7.18
N GLN B 26 12.13 13.50 7.11
CA GLN B 26 12.88 13.19 5.91
C GLN B 26 11.97 12.93 4.68
N VAL B 27 10.88 12.25 4.92
CA VAL B 27 9.83 12.06 3.87
C VAL B 27 9.29 13.39 3.37
N LYS B 28 8.98 14.27 4.30
CA LYS B 28 8.50 15.60 3.94
C LYS B 28 9.45 16.45 3.17
N SER B 29 10.79 16.31 3.35
CA SER B 29 11.73 17.14 2.63
C SER B 29 12.07 16.56 1.29
N HIS B 30 11.68 15.32 1.07
CA HIS B 30 12.06 14.64 -0.16
C HIS B 30 11.47 15.40 -1.38
N GLN B 31 12.14 15.41 -2.51
CA GLN B 31 11.68 16.21 -3.65
C GLN B 31 10.41 15.62 -4.30
N SER B 32 10.03 14.38 -4.01
CA SER B 32 8.77 13.78 -4.50
C SER B 32 7.64 13.85 -3.48
N ALA B 33 7.82 14.52 -2.34
CA ALA B 33 6.73 14.64 -1.41
C ALA B 33 5.70 15.72 -1.72
N TRP B 34 6.03 16.62 -2.61
CA TRP B 34 5.20 17.81 -2.78
C TRP B 34 3.67 17.54 -3.04
N PRO B 35 3.31 16.46 -3.68
CA PRO B 35 1.84 16.24 -3.84
C PRO B 35 1.11 15.92 -2.54
N PHE B 36 1.84 15.53 -1.52
CA PHE B 36 1.25 14.89 -0.35
C PHE B 36 1.30 15.73 0.92
N MET B 37 1.75 16.98 0.77
CA MET B 37 2.19 17.79 1.92
C MET B 37 0.98 18.28 2.67
N GLU B 38 -0.13 18.48 1.99
CA GLU B 38 -1.33 19.01 2.66
C GLU B 38 -2.60 18.36 2.13
N PRO B 39 -3.74 18.47 2.88
CA PRO B 39 -5.04 17.99 2.39
C PRO B 39 -5.26 18.42 0.98
N VAL B 40 -5.66 17.49 0.15
CA VAL B 40 -6.02 17.84 -1.23
C VAL B 40 -7.11 18.92 -1.21
N LYS B 41 -6.99 19.95 -2.06
CA LYS B 41 -8.03 20.99 -2.09
C LYS B 41 -9.15 20.68 -3.10
N ARG B 42 -10.41 20.93 -2.73
CA ARG B 42 -11.56 20.69 -3.65
CA ARG B 42 -11.56 20.71 -3.64
C ARG B 42 -11.38 21.48 -4.93
N THR B 43 -10.77 22.64 -4.81
CA THR B 43 -10.37 23.43 -5.97
C THR B 43 -9.49 22.70 -6.94
N GLU B 44 -8.54 21.97 -6.41
CA GLU B 44 -7.60 21.25 -7.25
C GLU B 44 -8.17 19.92 -7.73
N ALA B 45 -9.21 19.40 -7.10
CA ALA B 45 -9.70 18.07 -7.40
C ALA B 45 -11.20 17.99 -6.98
N PRO B 46 -12.10 18.72 -7.71
CA PRO B 46 -13.54 18.64 -7.35
C PRO B 46 -13.99 17.13 -7.34
N GLY B 47 -14.78 16.72 -6.36
CA GLY B 47 -15.16 15.29 -6.25
C GLY B 47 -14.07 14.32 -5.81
N TYR B 48 -12.94 14.84 -5.35
CA TYR B 48 -11.96 14.00 -4.69
C TYR B 48 -12.59 13.42 -3.43
N TYR B 49 -13.20 14.27 -2.63
CA TYR B 49 -13.74 13.86 -1.35
C TYR B 49 -15.06 13.07 -1.52
N GLU B 50 -15.55 12.95 -2.75
CA GLU B 50 -16.64 11.99 -3.06
C GLU B 50 -16.07 10.59 -3.23
N VAL B 51 -14.88 10.52 -3.81
CA VAL B 51 -14.23 9.25 -4.18
C VAL B 51 -13.32 8.69 -3.07
N ILE B 52 -12.55 9.55 -2.44
CA ILE B 52 -11.61 9.09 -1.43
C ILE B 52 -12.27 9.24 -0.09
N ARG B 53 -12.44 8.13 0.60
CA ARG B 53 -13.18 8.08 1.87
C ARG B 53 -12.32 8.36 3.08
N PHE B 54 -11.05 7.99 3.03
CA PHE B 54 -10.13 8.22 4.13
C PHE B 54 -8.94 9.10 3.66
N PRO B 55 -9.16 10.40 3.49
CA PRO B 55 -8.07 11.29 3.06
C PRO B 55 -6.94 11.29 4.05
N MET B 56 -5.71 11.40 3.55
CA MET B 56 -4.59 11.52 4.49
C MET B 56 -3.48 12.27 3.79
N ASP B 57 -2.69 12.97 4.59
CA ASP B 57 -1.57 13.78 4.05
C ASP B 57 -0.51 13.98 5.10
N LEU B 58 0.64 14.48 4.67
CA LEU B 58 1.76 14.56 5.61
C LEU B 58 1.62 15.63 6.71
N LYS B 59 0.86 16.70 6.44
CA LYS B 59 0.62 17.66 7.46
C LYS B 59 -0.23 17.07 8.58
N THR B 60 -1.27 16.35 8.18
CA THR B 60 -2.12 15.68 9.14
C THR B 60 -1.30 14.70 9.90
N MET B 61 -0.40 13.97 9.23
CA MET B 61 0.45 13.05 9.98
C MET B 61 1.38 13.75 11.01
N SER B 62 1.94 14.90 10.64
CA SER B 62 2.78 15.72 11.56
C SER B 62 1.98 16.12 12.81
N GLU B 63 0.72 16.46 12.61
CA GLU B 63 -0.12 16.82 13.73
C GLU B 63 -0.43 15.61 14.58
N ARG B 64 -0.83 14.51 13.93
CA ARG B 64 -1.03 13.26 14.67
C ARG B 64 0.19 12.89 15.49
N LEU B 65 1.36 13.05 14.92
CA LEU B 65 2.58 12.75 15.63
C LEU B 65 2.75 13.61 16.89
N LYS B 66 2.65 14.92 16.72
CA LYS B 66 2.68 15.84 17.85
C LYS B 66 1.65 15.50 18.90
N ASN B 67 0.47 15.10 18.48
CA ASN B 67 -0.58 14.75 19.40
C ASN B 67 -0.43 13.34 20.00
N ARG B 68 0.70 12.69 19.80
CA ARG B 68 1.01 11.43 20.45
C ARG B 68 0.16 10.26 20.00
N TYR B 69 -0.30 10.32 18.77
CA TYR B 69 -1.16 9.31 18.27
C TYR B 69 -0.41 8.08 17.85
N TYR B 70 0.82 8.25 17.40
CA TYR B 70 1.55 7.12 16.82
C TYR B 70 2.26 6.30 17.94
N VAL B 71 1.44 5.57 18.72
CA VAL B 71 1.95 4.76 19.81
C VAL B 71 2.58 3.45 19.29
N SER B 72 2.38 3.11 18.02
CA SER B 72 3.08 1.98 17.40
C SER B 72 3.49 2.25 15.94
N LYS B 73 4.38 1.40 15.47
CA LYS B 73 4.86 1.40 14.13
C LYS B 73 3.70 1.20 13.16
N LYS B 74 2.85 0.23 13.46
CA LYS B 74 1.76 -0.10 12.56
C LYS B 74 0.74 1.05 12.36
N LEU B 75 0.49 1.89 13.36
CA LEU B 75 -0.38 3.05 13.15
C LEU B 75 0.25 4.05 12.17
N PHE B 76 1.54 4.31 12.36
CA PHE B 76 2.29 5.24 11.50
C PHE B 76 2.33 4.72 10.08
N MET B 77 2.63 3.45 9.92
CA MET B 77 2.66 2.86 8.61
C MET B 77 1.31 2.91 7.90
N ALA B 78 0.22 2.68 8.62
CA ALA B 78 -1.09 2.67 7.98
C ALA B 78 -1.45 4.08 7.44
N ASP B 79 -1.10 5.13 8.18
CA ASP B 79 -1.41 6.51 7.71
C ASP B 79 -0.60 6.82 6.47
N LEU B 80 0.67 6.47 6.50
CA LEU B 80 1.51 6.78 5.36
C LEU B 80 1.16 5.95 4.18
N GLN B 81 0.82 4.68 4.36
CA GLN B 81 0.40 3.83 3.27
CA GLN B 81 0.43 3.86 3.22
C GLN B 81 -0.94 4.33 2.64
N ARG B 82 -1.83 4.81 3.46
CA ARG B 82 -3.07 5.42 2.98
C ARG B 82 -2.82 6.65 2.12
N VAL B 83 -1.74 7.40 2.39
CA VAL B 83 -1.39 8.49 1.50
C VAL B 83 -1.14 7.92 0.13
N PHE B 84 -0.40 6.82 0.07
CA PHE B 84 -0.03 6.30 -1.25
C PHE B 84 -1.20 5.63 -2.00
N THR B 85 -2.03 4.91 -1.28
CA THR B 85 -3.16 4.14 -1.84
C THR B 85 -4.29 5.09 -2.25
N ASN B 86 -4.48 6.20 -1.55
CA ASN B 86 -5.38 7.25 -2.08
C ASN B 86 -4.87 7.76 -3.41
N CYS B 87 -3.58 8.08 -3.44
CA CYS B 87 -3.02 8.63 -4.66
C CYS B 87 -3.20 7.63 -5.83
N LYS B 88 -2.94 6.34 -5.59
CA LYS B 88 -3.03 5.35 -6.67
C LYS B 88 -4.48 4.96 -7.09
N GLU B 89 -5.41 5.04 -6.14
CA GLU B 89 -6.85 4.96 -6.45
C GLU B 89 -7.35 6.13 -7.28
N TYR B 90 -6.92 7.36 -6.97
CA TYR B 90 -7.51 8.52 -7.61
C TYR B 90 -6.89 8.78 -8.95
N ASN B 91 -5.57 8.64 -9.08
CA ASN B 91 -4.86 9.04 -10.29
C ASN B 91 -4.47 7.90 -11.22
N PRO B 92 -4.34 8.21 -12.55
CA PRO B 92 -3.81 7.24 -13.51
C PRO B 92 -2.31 6.90 -13.31
N PRO B 93 -1.92 5.69 -13.74
CA PRO B 93 -0.64 5.08 -13.41
C PRO B 93 0.56 5.80 -13.98
N GLU B 94 0.35 6.58 -15.03
CA GLU B 94 1.43 7.27 -15.65
C GLU B 94 1.39 8.72 -15.25
N SER B 95 0.52 9.10 -14.32
CA SER B 95 0.48 10.48 -13.91
C SER B 95 1.70 10.80 -13.03
N GLU B 96 2.06 12.07 -12.97
CA GLU B 96 3.13 12.54 -12.12
C GLU B 96 2.83 12.18 -10.66
N TYR B 97 1.57 12.25 -10.25
CA TYR B 97 1.30 12.00 -8.86
C TYR B 97 1.56 10.53 -8.54
N TYR B 98 1.14 9.66 -9.42
CA TYR B 98 1.35 8.21 -9.19
C TYR B 98 2.88 7.94 -9.14
N LYS B 99 3.66 8.47 -10.08
CA LYS B 99 5.12 8.30 -10.10
C LYS B 99 5.76 8.78 -8.79
N CYS B 100 5.32 9.96 -8.31
CA CYS B 100 5.82 10.50 -7.08
C CYS B 100 5.52 9.54 -5.95
N ALA B 101 4.28 9.06 -5.86
CA ALA B 101 3.92 8.13 -4.79
C ALA B 101 4.88 6.89 -4.72
N ASN B 102 5.23 6.30 -5.84
CA ASN B 102 6.07 5.08 -5.76
C ASN B 102 7.54 5.46 -5.47
N ILE B 103 7.99 6.60 -5.97
CA ILE B 103 9.31 7.09 -5.63
C ILE B 103 9.42 7.32 -4.11
N LEU B 104 8.44 8.03 -3.56
CA LEU B 104 8.49 8.31 -2.12
C LEU B 104 8.32 7.12 -1.25
N GLU B 105 7.45 6.22 -1.68
CA GLU B 105 7.31 4.94 -0.98
C GLU B 105 8.62 4.15 -0.91
N LYS B 106 9.35 4.03 -1.99
CA LYS B 106 10.65 3.39 -1.93
C LYS B 106 11.52 4.07 -0.89
N PHE B 107 11.54 5.41 -0.91
CA PHE B 107 12.39 6.15 0.01
C PHE B 107 11.97 5.85 1.44
N PHE B 108 10.68 5.97 1.70
CA PHE B 108 10.14 5.61 2.98
C PHE B 108 10.55 4.22 3.49
N PHE B 109 10.43 3.20 2.66
CA PHE B 109 10.84 1.90 3.15
C PHE B 109 12.33 1.84 3.44
N SER B 110 13.16 2.52 2.64
CA SER B 110 14.59 2.53 2.92
CA SER B 110 14.59 2.52 2.94
C SER B 110 14.84 3.14 4.31
N LYS B 111 14.07 4.17 4.68
CA LYS B 111 14.27 4.76 6.00
C LYS B 111 13.72 3.91 7.16
N ILE B 112 12.58 3.27 6.98
CA ILE B 112 12.06 2.28 7.94
C ILE B 112 13.09 1.16 8.21
N LYS B 113 13.62 0.60 7.13
CA LYS B 113 14.61 -0.46 7.23
C LYS B 113 15.88 0.08 7.87
N GLU B 114 16.29 1.27 7.44
CA GLU B 114 17.48 1.88 7.98
C GLU B 114 17.37 2.16 9.48
N ALA B 115 16.18 2.45 9.98
CA ALA B 115 16.01 2.64 11.43
C ALA B 115 15.73 1.34 12.22
N GLY B 116 15.79 0.18 11.58
CA GLY B 116 15.41 -1.07 12.24
C GLY B 116 14.02 -1.06 12.84
N LEU B 117 13.13 -0.26 12.29
CA LEU B 117 11.84 -0.09 12.91
C LEU B 117 11.04 -1.39 12.83
N ILE B 118 10.82 -1.93 14.01
CA ILE B 118 10.07 -3.14 14.25
C ILE B 118 8.89 -2.69 15.12
C1 EDO C . -10.04 -18.84 3.73
O1 EDO C . -8.96 -19.68 4.16
C2 EDO C . -11.39 -19.00 4.47
O2 EDO C . -11.70 -17.77 5.10
C1 EDO D . -20.47 -2.74 -8.61
O1 EDO D . -19.67 -3.60 -9.44
C2 EDO D . -19.58 -1.64 -8.04
O2 EDO D . -19.24 -1.91 -6.67
C1 EDO E . -8.53 -18.38 -9.54
O1 EDO E . -8.69 -18.20 -8.15
C2 EDO E . -9.81 -17.76 -10.00
O2 EDO E . -9.46 -16.87 -11.03
C01 2LX F . 7.00 -11.77 -2.62
N02 2LX F . 8.14 -12.61 -2.29
C03 2LX F . 9.07 -12.22 -1.42
C04 2LX F . 10.18 -13.19 -1.08
C05 2LX F . 11.16 -12.69 -0.23
C06 2LX F . 12.32 -13.42 0.05
C07 2LX F . 12.52 -14.67 -0.51
C08 2LX F . 11.54 -15.22 -1.33
C09 2LX F . 10.36 -14.50 -1.59
O10 2LX F . 9.28 -15.05 -2.25
C11 2LX F . 9.51 -16.19 -3.13
C12 2LX F . 9.78 -15.66 -4.51
C13 2LX F . 9.90 -16.81 -5.50
O14 2LX F . 8.72 -17.60 -5.50
C15 2LX F . 8.48 -18.14 -4.17
C16 2LX F . 8.28 -17.09 -3.10
O17 2LX F . 9.01 -11.11 -0.88
C1 EDO G . 6.77 16.48 12.34
O1 EDO G . 7.04 17.51 11.37
C2 EDO G . 6.70 17.15 13.74
O2 EDO G . 5.33 17.11 14.20
C1 EDO H . -1.37 18.65 -5.77
O1 EDO H . -2.17 17.69 -5.02
C2 EDO H . -0.73 19.61 -4.74
O2 EDO H . -1.35 19.48 -3.42
S DMS I . -3.12 13.93 -5.32
O DMS I . -4.10 12.80 -5.50
C1 DMS I . -4.22 15.16 -5.81
C2 DMS I . -2.57 13.98 -3.72
#